data_6UKH
#
_entry.id   6UKH
#
_cell.length_a   67.257
_cell.length_b   67.257
_cell.length_c   171.072
_cell.angle_alpha   90.000
_cell.angle_beta   90.000
_cell.angle_gamma   90.000
#
_symmetry.space_group_name_H-M   'P 41 21 2'
#
loop_
_entity.id
_entity.type
_entity.pdbx_description
1 polymer 'HhaI Restriction Endonuclease'
2 polymer "DNA (5'-D(*CP*TP*GP*TP*TP*GP*CP*GP*CP*TP*TP*GP*G)-3')"
3 polymer "DNA (5'-D(*CP*CP*AP*AP*GP*CP*GP*CP*AP*AP*CP*AP*G)-3')"
4 non-polymer 'CALCIUM ION'
5 water water
#
loop_
_entity_poly.entity_id
_entity_poly.type
_entity_poly.pdbx_seq_one_letter_code
_entity_poly.pdbx_strand_id
1 'polypeptide(L)'
;MNWKEFEVFCVTYLNKTYGNKFAKKGESDSTTSDILFTGNNPFYIEAKMPHSQCGQFVLIPNRAEYKFDYSPKNKSEINP
YTQKIMQFMSENFSEYANLSTKGKIIPLPESVFVNWIKEYYKSKSVKFFITSNGDFIIFPIEHFEHYFNVSCTYRIKKSG
SRHLNSKSLPDFKQALDKKGISYTMRGLELHSDENIHDKRISGDDKDFLIKENNGAYHVKILSNTFNANVIFSISLKNNI
SLFILNEDRKAFEAAISL
;
X
2 'polydeoxyribonucleotide' (DC)(DT)(DG)(DT)(DT)(DG)(DC)(DG)(DC)(DT)(DT)(DG)(DG)(DA) A
3 'polydeoxyribonucleotide' (DT)(DC)(DC)(DA)(DA)(DG)(DC)(DG)(DC)(DA)(DA)(DC)(DA)(DG) B
#
loop_
_chem_comp.id
_chem_comp.type
_chem_comp.name
_chem_comp.formula
CA non-polymer 'CALCIUM ION' 'Ca 2'
DA DNA linking 2'-DEOXYADENOSINE-5'-MONOPHOSPHATE 'C10 H14 N5 O6 P'
DC DNA linking 2'-DEOXYCYTIDINE-5'-MONOPHOSPHATE 'C9 H14 N3 O7 P'
DG DNA linking 2'-DEOXYGUANOSINE-5'-MONOPHOSPHATE 'C10 H14 N5 O7 P'
DT DNA linking THYMIDINE-5'-MONOPHOSPHATE 'C10 H15 N2 O8 P'
#
# COMPACT_ATOMS: atom_id res chain seq x y z
N MET A 1 15.84 -3.93 -5.89
CA MET A 1 15.29 -4.58 -4.71
C MET A 1 13.79 -4.35 -4.59
N ASN A 2 13.11 -5.16 -3.79
CA ASN A 2 11.68 -5.02 -3.58
C ASN A 2 11.41 -4.11 -2.38
N TRP A 3 10.14 -3.85 -2.10
CA TRP A 3 9.81 -2.93 -1.02
C TRP A 3 10.07 -3.54 0.34
N LYS A 4 9.85 -4.85 0.48
CA LYS A 4 10.15 -5.52 1.75
C LYS A 4 11.63 -5.36 2.10
N GLU A 5 12.51 -5.62 1.13
CA GLU A 5 13.94 -5.42 1.37
C GLU A 5 14.27 -3.93 1.55
N PHE A 6 13.54 -3.05 0.85
CA PHE A 6 13.81 -1.62 0.94
C PHE A 6 13.49 -1.08 2.33
N GLU A 7 12.39 -1.55 2.93
CA GLU A 7 12.08 -1.13 4.30
C GLU A 7 13.17 -1.59 5.26
N VAL A 8 13.68 -2.80 5.08
CA VAL A 8 14.76 -3.30 5.93
C VAL A 8 16.03 -2.46 5.73
N PHE A 9 16.36 -2.14 4.48
CA PHE A 9 17.57 -1.36 4.21
C PHE A 9 17.48 0.03 4.82
N CYS A 10 16.28 0.61 4.89
CA CYS A 10 16.11 1.90 5.58
C CYS A 10 16.34 1.78 7.08
N VAL A 11 15.71 0.80 7.71
CA VAL A 11 15.80 0.70 9.18
C VAL A 11 17.18 0.20 9.60
N THR A 12 17.83 -0.62 8.76
CA THR A 12 19.22 -0.95 9.05
C THR A 12 20.12 0.26 8.86
N TYR A 13 19.74 1.19 7.98
CA TYR A 13 20.48 2.44 7.86
C TYR A 13 20.27 3.31 9.10
N LEU A 14 19.02 3.45 9.53
CA LEU A 14 18.72 4.29 10.68
C LEU A 14 19.39 3.75 11.95
N ASN A 15 19.39 2.44 12.13
CA ASN A 15 19.95 1.85 13.34
C ASN A 15 21.47 2.06 13.40
N LYS A 16 22.15 1.89 12.26
CA LYS A 16 23.60 2.04 12.27
C LYS A 16 24.01 3.51 12.39
N THR A 17 23.22 4.42 11.82
CA THR A 17 23.61 5.83 11.80
C THR A 17 23.30 6.52 13.11
N TYR A 18 22.17 6.20 13.75
CA TYR A 18 21.68 6.96 14.89
C TYR A 18 21.50 6.12 16.14
N GLY A 19 21.90 4.85 16.13
CA GLY A 19 21.72 3.98 17.27
C GLY A 19 20.55 3.03 17.08
N ASN A 20 20.54 1.99 17.92
CA ASN A 20 19.50 0.95 17.84
CA ASN A 20 19.50 0.95 17.84
C ASN A 20 18.26 1.42 18.60
N LYS A 21 17.47 2.26 17.92
CA LYS A 21 16.23 2.78 18.48
C LYS A 21 15.11 2.79 17.45
N PHE A 22 15.21 1.97 16.40
CA PHE A 22 14.24 1.96 15.31
C PHE A 22 13.71 0.55 15.13
N ALA A 23 12.47 0.31 15.53
CA ALA A 23 11.82 -0.97 15.35
C ALA A 23 10.97 -0.95 14.08
N LYS A 24 11.02 -2.04 13.34
CA LYS A 24 10.22 -2.20 12.14
C LYS A 24 8.97 -2.99 12.50
N LYS A 25 7.81 -2.49 12.07
CA LYS A 25 6.56 -3.21 12.23
C LYS A 25 6.44 -4.28 11.14
N GLY A 26 5.32 -5.00 11.15
CA GLY A 26 5.19 -6.14 10.25
C GLY A 26 5.17 -5.73 8.79
N GLU A 27 5.77 -6.56 7.94
CA GLU A 27 5.65 -6.38 6.50
C GLU A 27 4.27 -6.83 6.05
N SER A 28 3.60 -6.00 5.24
CA SER A 28 2.20 -6.12 4.85
C SER A 28 1.26 -5.85 6.01
N ASP A 29 1.80 -5.56 7.21
CA ASP A 29 1.01 -5.10 8.34
C ASP A 29 0.62 -3.64 8.11
N SER A 30 -0.69 -3.38 8.06
CA SER A 30 -1.22 -2.08 7.65
C SER A 30 -1.80 -1.26 8.80
N THR A 31 -1.87 -1.82 10.01
CA THR A 31 -2.53 -1.11 11.10
C THR A 31 -1.79 0.18 11.46
N THR A 32 -0.49 0.24 11.23
CA THR A 32 0.30 1.42 11.55
C THR A 32 1.40 1.58 10.51
N SER A 33 2.21 2.62 10.67
CA SER A 33 3.29 2.91 9.75
C SER A 33 4.48 1.98 10.03
N ASP A 34 5.52 2.10 9.19
CA ASP A 34 6.54 1.06 9.09
C ASP A 34 7.47 1.06 10.30
N ILE A 35 8.12 2.19 10.57
CA ILE A 35 9.27 2.25 11.47
C ILE A 35 8.92 3.08 12.69
N LEU A 36 9.22 2.57 13.87
CA LEU A 36 8.93 3.24 15.13
C LEU A 36 10.23 3.65 15.81
N PHE A 37 10.40 4.95 16.03
CA PHE A 37 11.57 5.47 16.73
C PHE A 37 11.32 5.35 18.23
N THR A 38 12.09 4.52 18.91
CA THR A 38 11.90 4.24 20.33
C THR A 38 12.77 5.13 21.21
N GLY A 39 12.74 6.44 20.96
CA GLY A 39 13.52 7.39 21.73
C GLY A 39 12.73 7.93 22.90
N ASN A 40 13.21 9.04 23.44
CA ASN A 40 12.44 9.69 24.50
C ASN A 40 11.19 10.37 23.94
N ASN A 41 11.23 10.86 22.69
CA ASN A 41 10.02 11.36 22.03
C ASN A 41 9.67 10.40 20.90
N PRO A 42 8.87 9.37 21.15
CA PRO A 42 8.65 8.34 20.14
C PRO A 42 7.67 8.78 19.05
N PHE A 43 8.04 8.48 17.81
CA PHE A 43 7.20 8.77 16.65
C PHE A 43 7.46 7.74 15.57
N TYR A 44 6.62 7.76 14.53
CA TYR A 44 6.72 6.82 13.43
C TYR A 44 7.40 7.45 12.22
N ILE A 45 8.04 6.60 11.42
CA ILE A 45 8.63 6.97 10.14
C ILE A 45 8.06 6.05 9.08
N GLU A 46 7.74 6.62 7.92
CA GLU A 46 7.17 5.88 6.80
C GLU A 46 8.21 5.80 5.68
N ALA A 47 8.52 4.58 5.24
CA ALA A 47 9.50 4.35 4.19
C ALA A 47 8.78 4.15 2.86
N LYS A 48 9.12 4.98 1.88
CA LYS A 48 8.55 4.89 0.55
C LYS A 48 9.66 4.67 -0.47
N MET A 49 9.36 3.90 -1.48
CA MET A 49 10.32 3.85 -2.57
C MET A 49 10.07 4.98 -3.55
N PRO A 50 11.07 5.34 -4.37
CA PRO A 50 10.91 6.49 -5.27
C PRO A 50 9.63 6.47 -6.10
N HIS A 51 9.14 5.29 -6.50
CA HIS A 51 7.86 5.16 -7.18
C HIS A 51 6.97 4.31 -6.27
N SER A 52 6.11 4.98 -5.49
CA SER A 52 5.25 4.31 -4.53
C SER A 52 3.81 4.77 -4.72
N GLN A 53 2.91 4.12 -4.00
CA GLN A 53 1.55 4.58 -3.83
C GLN A 53 1.38 5.07 -2.39
N CYS A 54 0.40 5.95 -2.19
CA CYS A 54 0.41 6.80 -1.00
C CYS A 54 -0.99 6.96 -0.40
N GLY A 55 -1.72 5.87 -0.26
CA GLY A 55 -2.98 5.96 0.44
C GLY A 55 -4.18 5.95 -0.51
N GLN A 56 -5.34 5.67 0.06
CA GLN A 56 -6.52 5.43 -0.75
C GLN A 56 -7.78 5.63 0.07
N PHE A 57 -8.90 5.74 -0.64
CA PHE A 57 -10.22 5.57 -0.03
C PHE A 57 -11.21 5.16 -1.11
N VAL A 58 -12.03 4.18 -0.79
CA VAL A 58 -13.04 3.68 -1.71
C VAL A 58 -14.18 4.68 -1.81
N LEU A 59 -14.70 4.88 -3.01
CA LEU A 59 -15.94 5.61 -3.23
C LEU A 59 -16.93 4.71 -3.94
N ILE A 60 -18.15 4.64 -3.40
CA ILE A 60 -19.21 3.85 -4.01
C ILE A 60 -19.99 4.75 -4.98
N PRO A 61 -20.14 4.36 -6.24
CA PRO A 61 -20.94 5.15 -7.18
C PRO A 61 -22.44 4.93 -6.92
N ASN A 62 -23.13 6.00 -6.51
CA ASN A 62 -24.59 5.96 -6.35
C ASN A 62 -25.18 6.33 -7.70
N ARG A 63 -25.43 5.31 -8.53
CA ARG A 63 -25.95 5.56 -9.87
C ARG A 63 -27.38 6.08 -9.83
N ALA A 64 -28.12 5.81 -8.76
CA ALA A 64 -29.48 6.36 -8.64
C ALA A 64 -29.45 7.86 -8.40
N GLU A 65 -28.52 8.33 -7.55
CA GLU A 65 -28.42 9.74 -7.23
C GLU A 65 -27.41 10.48 -8.08
N TYR A 66 -26.58 9.77 -8.85
CA TYR A 66 -25.54 10.36 -9.69
C TYR A 66 -24.53 11.13 -8.84
N LYS A 67 -24.21 10.59 -7.68
CA LYS A 67 -23.20 11.14 -6.79
C LYS A 67 -22.31 10.02 -6.28
N PHE A 68 -21.14 10.39 -5.78
CA PHE A 68 -20.21 9.42 -5.20
C PHE A 68 -20.31 9.49 -3.67
N ASP A 69 -20.34 8.32 -3.05
CA ASP A 69 -20.51 8.21 -1.61
C ASP A 69 -19.26 7.60 -0.99
N TYR A 70 -18.87 8.12 0.18
CA TYR A 70 -17.75 7.57 0.92
C TYR A 70 -18.13 6.22 1.51
N SER A 71 -17.29 5.22 1.29
CA SER A 71 -17.55 3.88 1.80
C SER A 71 -17.50 3.88 3.32
N PRO A 72 -18.59 3.51 4.02
CA PRO A 72 -18.56 3.50 5.49
C PRO A 72 -17.58 2.50 6.08
N LYS A 73 -17.00 1.60 5.28
CA LYS A 73 -16.02 0.65 5.76
C LYS A 73 -14.59 1.14 5.57
N ASN A 74 -14.41 2.39 5.15
CA ASN A 74 -13.08 2.96 5.04
C ASN A 74 -12.46 3.15 6.43
N LYS A 75 -11.12 3.16 6.46
CA LYS A 75 -10.39 3.20 7.72
C LYS A 75 -9.80 4.57 8.02
N SER A 76 -10.18 5.60 7.26
CA SER A 76 -9.82 6.97 7.56
C SER A 76 -11.04 7.85 7.37
N GLU A 77 -11.17 8.88 8.21
CA GLU A 77 -12.33 9.75 8.13
C GLU A 77 -12.17 10.77 7.01
N ILE A 78 -13.29 11.38 6.63
CA ILE A 78 -13.29 12.35 5.54
C ILE A 78 -12.70 13.67 6.04
N ASN A 79 -11.69 14.15 5.34
CA ASN A 79 -11.11 15.47 5.57
C ASN A 79 -11.52 16.42 4.44
N PRO A 80 -11.39 17.75 4.64
CA PRO A 80 -11.81 18.70 3.60
C PRO A 80 -11.28 18.41 2.21
N TYR A 81 -10.15 17.72 2.14
CA TYR A 81 -9.58 17.36 0.84
C TYR A 81 -10.23 16.11 0.27
N THR A 82 -10.72 15.21 1.13
CA THR A 82 -11.56 14.12 0.64
C THR A 82 -12.83 14.66 0.01
N GLN A 83 -13.52 15.58 0.70
CA GLN A 83 -14.76 16.13 0.17
C GLN A 83 -14.51 16.93 -1.09
N LYS A 84 -13.33 17.56 -1.22
CA LYS A 84 -13.01 18.26 -2.45
C LYS A 84 -12.95 17.30 -3.62
N ILE A 85 -12.25 16.18 -3.45
CA ILE A 85 -12.14 15.18 -4.53
C ILE A 85 -13.51 14.60 -4.85
N MET A 86 -14.29 14.25 -3.82
CA MET A 86 -15.63 13.72 -4.05
C MET A 86 -16.52 14.73 -4.76
N GLN A 87 -16.39 16.01 -4.40
CA GLN A 87 -17.22 17.03 -5.03
C GLN A 87 -16.91 17.17 -6.51
N PHE A 88 -15.64 17.00 -6.89
CA PHE A 88 -15.28 17.05 -8.30
C PHE A 88 -15.87 15.87 -9.05
N MET A 89 -15.63 14.65 -8.54
CA MET A 89 -16.06 13.45 -9.25
C MET A 89 -17.57 13.41 -9.42
N SER A 90 -18.32 13.85 -8.40
CA SER A 90 -19.78 13.86 -8.50
C SER A 90 -20.27 14.96 -9.43
N GLU A 91 -19.49 16.02 -9.63
CA GLU A 91 -19.81 16.99 -10.67
C GLU A 91 -19.58 16.41 -12.06
N ASN A 92 -18.64 15.49 -12.19
CA ASN A 92 -18.32 14.83 -13.45
C ASN A 92 -18.69 13.34 -13.39
N PHE A 93 -19.84 13.04 -12.79
CA PHE A 93 -20.17 11.67 -12.39
C PHE A 93 -20.08 10.70 -13.56
N SER A 94 -20.77 10.99 -14.66
CA SER A 94 -20.85 10.04 -15.75
C SER A 94 -19.46 9.72 -16.33
N GLU A 95 -18.58 10.72 -16.36
CA GLU A 95 -17.21 10.47 -16.80
C GLU A 95 -16.43 9.58 -15.84
N TYR A 96 -16.83 9.55 -14.57
CA TYR A 96 -16.19 8.69 -13.58
C TYR A 96 -17.03 7.48 -13.22
N ALA A 97 -18.24 7.35 -13.77
CA ALA A 97 -19.09 6.21 -13.43
C ALA A 97 -18.58 4.93 -14.07
N ASN A 98 -17.92 5.03 -15.22
CA ASN A 98 -17.42 3.84 -15.93
C ASN A 98 -16.16 3.33 -15.23
N LEU A 99 -16.38 2.56 -14.17
CA LEU A 99 -15.25 2.04 -13.39
C LEU A 99 -14.42 1.07 -14.22
N SER A 100 -13.11 1.19 -14.11
CA SER A 100 -12.19 0.38 -14.90
C SER A 100 -10.92 0.11 -14.09
N THR A 101 -10.27 -1.01 -14.42
CA THR A 101 -8.99 -1.30 -13.79
C THR A 101 -7.90 -0.34 -14.26
N LYS A 102 -8.00 0.15 -15.49
CA LYS A 102 -7.08 1.17 -15.98
C LYS A 102 -7.31 2.51 -15.27
N GLY A 103 -8.55 2.82 -14.92
CA GLY A 103 -8.85 3.97 -14.10
C GLY A 103 -8.87 5.27 -14.88
N LYS A 104 -9.42 6.30 -14.25
CA LYS A 104 -9.43 7.65 -14.77
C LYS A 104 -8.66 8.54 -13.81
N ILE A 105 -7.67 9.26 -14.35
CA ILE A 105 -6.92 10.20 -13.51
C ILE A 105 -7.82 11.38 -13.15
N ILE A 106 -7.50 12.01 -12.02
CA ILE A 106 -8.29 13.12 -11.50
C ILE A 106 -7.44 14.39 -11.64
N PRO A 107 -7.85 15.33 -12.49
CA PRO A 107 -6.95 16.43 -12.90
C PRO A 107 -6.91 17.60 -11.94
N LEU A 108 -7.35 17.39 -10.70
CA LEU A 108 -7.30 18.44 -9.70
C LEU A 108 -5.86 18.79 -9.35
N PRO A 109 -5.61 19.98 -8.77
CA PRO A 109 -4.24 20.40 -8.47
C PRO A 109 -3.51 19.46 -7.54
N GLU A 110 -2.18 19.45 -7.67
CA GLU A 110 -1.34 18.60 -6.84
C GLU A 110 -1.31 19.04 -5.38
N SER A 111 -1.63 20.30 -5.09
CA SER A 111 -1.60 20.76 -3.71
C SER A 111 -2.66 20.05 -2.87
N VAL A 112 -3.84 19.82 -3.46
CA VAL A 112 -4.90 19.13 -2.74
C VAL A 112 -4.47 17.71 -2.40
N PHE A 113 -3.79 17.04 -3.32
CA PHE A 113 -3.33 15.68 -3.06
C PHE A 113 -2.27 15.67 -1.96
N VAL A 114 -1.37 16.66 -1.98
CA VAL A 114 -0.37 16.76 -0.92
C VAL A 114 -1.04 16.92 0.43
N ASN A 115 -2.08 17.76 0.49
CA ASN A 115 -2.76 18.00 1.75
C ASN A 115 -3.43 16.73 2.28
N TRP A 116 -4.08 15.96 1.40
CA TRP A 116 -4.70 14.71 1.85
C TRP A 116 -3.66 13.77 2.42
N ILE A 117 -2.53 13.61 1.72
CA ILE A 117 -1.46 12.75 2.21
C ILE A 117 -0.91 13.28 3.52
N LYS A 118 -0.77 14.60 3.62
CA LYS A 118 -0.28 15.19 4.88
C LYS A 118 -1.21 14.87 6.03
N GLU A 119 -2.52 14.95 5.81
CA GLU A 119 -3.45 14.67 6.89
C GLU A 119 -3.57 13.19 7.16
N TYR A 120 -3.47 12.35 6.13
CA TYR A 120 -3.56 10.92 6.36
C TYR A 120 -2.39 10.41 7.18
N TYR A 121 -1.17 10.80 6.82
CA TYR A 121 0.00 10.28 7.53
C TYR A 121 0.23 10.97 8.86
N LYS A 122 -0.30 12.17 9.07
CA LYS A 122 -0.26 12.76 10.40
C LYS A 122 -1.18 11.99 11.36
N SER A 123 -2.30 11.48 10.86
CA SER A 123 -3.17 10.66 11.70
C SER A 123 -2.47 9.40 12.15
N LYS A 124 -1.51 8.90 11.37
CA LYS A 124 -0.71 7.73 11.69
C LYS A 124 0.51 8.07 12.53
N SER A 125 0.60 9.31 13.04
CA SER A 125 1.73 9.79 13.82
C SER A 125 3.05 9.64 13.08
N VAL A 126 3.00 9.82 11.78
CA VAL A 126 4.23 9.89 11.00
C VAL A 126 4.76 11.31 11.09
N LYS A 127 6.01 11.43 11.52
CA LYS A 127 6.67 12.72 11.58
C LYS A 127 7.68 12.92 10.45
N PHE A 128 8.19 11.84 9.88
CA PHE A 128 9.23 11.91 8.86
C PHE A 128 9.04 10.79 7.85
N PHE A 129 9.50 11.03 6.64
CA PHE A 129 9.58 10.03 5.59
C PHE A 129 11.05 9.72 5.29
N ILE A 130 11.30 8.53 4.77
CA ILE A 130 12.64 8.12 4.35
C ILE A 130 12.54 7.45 2.99
N THR A 131 13.50 7.77 2.11
CA THR A 131 13.53 7.27 0.75
C THR A 131 14.94 7.51 0.21
N SER A 132 15.31 6.76 -0.82
CA SER A 132 16.65 6.84 -1.40
C SER A 132 16.59 7.30 -2.84
N ASN A 133 17.61 8.08 -3.24
CA ASN A 133 17.87 8.44 -4.63
C ASN A 133 19.29 8.06 -5.02
N GLY A 134 19.82 7.00 -4.41
CA GLY A 134 21.24 6.69 -4.41
C GLY A 134 21.86 6.84 -3.03
N ASP A 135 21.37 7.80 -2.24
CA ASP A 135 21.63 7.89 -0.82
C ASP A 135 20.30 8.16 -0.13
N PHE A 136 20.24 7.88 1.17
CA PHE A 136 19.00 8.04 1.91
C PHE A 136 18.67 9.51 2.11
N ILE A 137 17.40 9.86 1.92
CA ILE A 137 16.91 11.21 2.11
C ILE A 137 15.76 11.16 3.12
N ILE A 138 15.82 12.00 4.14
CA ILE A 138 14.86 12.01 5.24
C ILE A 138 14.32 13.42 5.43
N PHE A 139 13.00 13.53 5.59
CA PHE A 139 12.37 14.84 5.68
C PHE A 139 11.08 14.73 6.46
N PRO A 140 10.67 15.78 7.17
CA PRO A 140 9.39 15.76 7.86
C PRO A 140 8.21 15.96 6.90
N ILE A 141 7.05 15.53 7.38
CA ILE A 141 5.84 15.43 6.57
C ILE A 141 5.43 16.80 6.00
N GLU A 142 5.78 17.89 6.69
CA GLU A 142 5.36 19.21 6.24
C GLU A 142 6.11 19.68 4.99
N HIS A 143 7.22 19.05 4.64
CA HIS A 143 7.95 19.39 3.42
C HIS A 143 7.75 18.35 2.33
N PHE A 144 6.65 17.60 2.40
CA PHE A 144 6.42 16.48 1.49
C PHE A 144 6.44 16.93 0.03
N GLU A 145 5.77 18.05 -0.28
CA GLU A 145 5.62 18.48 -1.67
C GLU A 145 6.94 18.80 -2.34
N HIS A 146 8.00 19.06 -1.56
CA HIS A 146 9.30 19.37 -2.15
C HIS A 146 10.08 18.12 -2.56
N TYR A 147 9.58 16.93 -2.27
CA TYR A 147 10.27 15.70 -2.60
C TYR A 147 9.49 14.79 -3.54
N PHE A 148 8.16 14.87 -3.56
CA PHE A 148 7.36 13.93 -4.31
C PHE A 148 6.38 14.66 -5.21
N ASN A 149 6.30 14.23 -6.47
CA ASN A 149 5.23 14.61 -7.37
C ASN A 149 4.08 13.64 -7.18
N VAL A 150 2.88 14.15 -6.93
CA VAL A 150 1.75 13.30 -6.59
C VAL A 150 0.74 13.32 -7.74
N SER A 151 0.43 12.14 -8.26
CA SER A 151 -0.73 11.93 -9.11
C SER A 151 -1.79 11.16 -8.34
N CYS A 152 -3.03 11.34 -8.76
CA CYS A 152 -4.19 10.74 -8.11
C CYS A 152 -5.11 10.17 -9.17
N THR A 153 -5.55 8.94 -8.97
CA THR A 153 -6.43 8.29 -9.93
C THR A 153 -7.55 7.56 -9.20
N TYR A 154 -8.61 7.27 -9.94
CA TYR A 154 -9.75 6.51 -9.43
C TYR A 154 -9.84 5.24 -10.27
N ARG A 155 -9.50 4.11 -9.66
CA ARG A 155 -9.42 2.84 -10.37
C ARG A 155 -9.97 1.70 -9.51
N ILE A 156 -10.37 0.64 -10.20
CA ILE A 156 -10.76 -0.58 -9.51
C ILE A 156 -9.50 -1.27 -9.02
N LYS A 157 -9.48 -1.67 -7.74
CA LYS A 157 -8.40 -2.46 -7.17
C LYS A 157 -9.03 -3.66 -6.47
N LYS A 158 -8.96 -4.82 -7.14
CA LYS A 158 -9.47 -6.07 -6.57
C LYS A 158 -8.88 -6.30 -5.19
N SER A 159 -9.73 -6.78 -4.28
CA SER A 159 -9.30 -7.02 -2.91
C SER A 159 -8.28 -8.15 -2.86
N GLY A 160 -7.68 -8.33 -1.68
CA GLY A 160 -6.59 -9.27 -1.50
C GLY A 160 -7.07 -10.68 -1.18
N SER A 161 -6.09 -11.53 -0.93
CA SER A 161 -6.29 -12.97 -0.85
C SER A 161 -6.49 -13.44 0.59
N ARG A 162 -6.75 -14.74 0.73
CA ARG A 162 -6.92 -15.38 2.02
C ARG A 162 -6.37 -16.79 1.91
N HIS A 163 -6.08 -17.39 3.07
CA HIS A 163 -5.57 -18.75 3.09
C HIS A 163 -6.69 -19.72 2.72
N LEU A 164 -6.32 -20.78 2.00
CA LEU A 164 -7.26 -21.88 1.80
C LEU A 164 -7.55 -22.53 3.14
N ASN A 165 -8.81 -22.85 3.37
CA ASN A 165 -9.26 -23.35 4.66
C ASN A 165 -9.79 -24.77 4.52
N SER A 166 -10.37 -25.28 5.62
CA SER A 166 -10.90 -26.64 5.61
C SER A 166 -12.09 -26.77 4.66
N LYS A 167 -12.92 -25.73 4.57
CA LYS A 167 -14.20 -25.85 3.88
C LYS A 167 -14.02 -25.99 2.37
N SER A 168 -13.05 -25.29 1.79
CA SER A 168 -12.92 -25.14 0.35
C SER A 168 -11.88 -26.06 -0.29
N LEU A 169 -11.19 -26.90 0.50
CA LEU A 169 -10.29 -27.87 -0.11
C LEU A 169 -11.01 -28.82 -1.07
N PRO A 170 -12.20 -29.36 -0.75
CA PRO A 170 -12.90 -30.18 -1.76
C PRO A 170 -13.05 -29.50 -3.11
N ASP A 171 -13.38 -28.22 -3.13
CA ASP A 171 -13.46 -27.52 -4.41
C ASP A 171 -12.08 -27.31 -5.03
N PHE A 172 -11.04 -27.18 -4.20
CA PHE A 172 -9.69 -26.98 -4.73
C PHE A 172 -9.09 -28.30 -5.22
N LYS A 173 -9.35 -29.40 -4.50
CA LYS A 173 -8.89 -30.71 -5.00
C LYS A 173 -9.59 -31.06 -6.31
N GLN A 174 -10.89 -30.78 -6.40
CA GLN A 174 -11.62 -31.05 -7.63
C GLN A 174 -11.07 -30.21 -8.79
N ALA A 175 -10.69 -28.97 -8.51
CA ALA A 175 -10.15 -28.12 -9.57
C ALA A 175 -8.74 -28.53 -9.96
N LEU A 176 -8.00 -29.15 -9.04
CA LEU A 176 -6.64 -29.57 -9.35
C LEU A 176 -6.63 -30.88 -10.14
N ASP A 177 -7.54 -31.81 -9.82
CA ASP A 177 -7.61 -33.06 -10.56
C ASP A 177 -8.12 -32.85 -11.98
N LYS A 178 -9.03 -31.89 -12.18
CA LYS A 178 -9.44 -31.54 -13.53
C LYS A 178 -8.30 -30.93 -14.35
N LYS A 179 -7.28 -30.40 -13.68
CA LYS A 179 -6.09 -29.91 -14.36
C LYS A 179 -5.11 -31.03 -14.72
N GLY A 180 -5.23 -32.20 -14.07
CA GLY A 180 -4.43 -33.35 -14.45
C GLY A 180 -2.95 -33.23 -14.16
N ILE A 181 -2.57 -33.29 -12.88
CA ILE A 181 -1.16 -33.11 -12.50
C ILE A 181 -0.92 -33.87 -11.21
N SER A 182 0.35 -34.26 -11.00
CA SER A 182 0.79 -34.80 -9.73
C SER A 182 0.35 -33.91 -8.57
N TYR A 183 0.08 -34.53 -7.43
CA TYR A 183 0.13 -33.86 -6.13
C TYR A 183 -0.24 -34.85 -5.04
N THR A 184 0.17 -34.51 -3.82
CA THR A 184 -0.28 -35.17 -2.60
C THR A 184 -0.41 -34.10 -1.53
N MET A 185 -1.54 -34.11 -0.82
CA MET A 185 -1.86 -33.07 0.15
C MET A 185 -1.95 -33.68 1.55
N ARG A 186 -1.04 -33.28 2.42
CA ARG A 186 -1.07 -33.66 3.85
C ARG A 186 -1.66 -32.48 4.61
N GLY A 187 -2.92 -32.60 5.00
CA GLY A 187 -3.64 -31.45 5.54
C GLY A 187 -3.89 -30.43 4.46
N LEU A 188 -3.41 -29.20 4.65
CA LEU A 188 -3.37 -28.19 3.61
C LEU A 188 -1.98 -28.01 3.01
N GLU A 189 -1.00 -28.77 3.47
CA GLU A 189 0.33 -28.73 2.88
C GLU A 189 0.33 -29.50 1.56
N LEU A 190 0.62 -28.81 0.47
CA LEU A 190 0.57 -29.38 -0.87
C LEU A 190 1.98 -29.69 -1.34
N HIS A 191 2.20 -30.93 -1.78
CA HIS A 191 3.50 -31.37 -2.27
C HIS A 191 3.36 -31.86 -3.71
N SER A 192 4.37 -31.58 -4.53
CA SER A 192 4.42 -32.09 -5.89
C SER A 192 5.84 -31.97 -6.41
N ASP A 193 6.22 -32.90 -7.30
CA ASP A 193 7.54 -32.88 -7.91
C ASP A 193 7.63 -31.89 -9.06
N GLU A 194 6.51 -31.55 -9.69
CA GLU A 194 6.50 -30.54 -10.74
C GLU A 194 6.44 -29.15 -10.13
N ASN A 195 7.17 -28.21 -10.74
CA ASN A 195 7.19 -26.84 -10.26
C ASN A 195 5.85 -26.18 -10.59
N ILE A 196 5.06 -25.88 -9.57
CA ILE A 196 3.75 -25.27 -9.75
C ILE A 196 3.71 -23.95 -9.01
N HIS A 197 4.86 -23.28 -8.91
CA HIS A 197 4.94 -21.97 -8.28
C HIS A 197 4.13 -20.95 -9.07
N ASP A 198 3.27 -20.21 -8.37
CA ASP A 198 2.45 -19.14 -8.96
C ASP A 198 1.48 -19.65 -10.01
N LYS A 199 1.02 -20.89 -9.89
CA LYS A 199 0.03 -21.45 -10.80
C LYS A 199 -1.38 -21.09 -10.32
N ARG A 200 -2.24 -20.72 -11.27
CA ARG A 200 -3.59 -20.27 -10.97
C ARG A 200 -4.60 -21.26 -11.53
N ILE A 201 -5.44 -21.80 -10.65
CA ILE A 201 -6.51 -22.71 -11.07
C ILE A 201 -7.84 -22.11 -10.64
N SER A 202 -8.91 -22.55 -11.30
CA SER A 202 -10.23 -21.98 -11.14
C SER A 202 -11.25 -23.08 -10.86
N GLY A 203 -12.44 -22.66 -10.45
CA GLY A 203 -13.56 -23.57 -10.26
C GLY A 203 -14.39 -23.26 -9.03
N ASP A 204 -15.69 -23.55 -9.13
CA ASP A 204 -16.63 -23.41 -8.02
C ASP A 204 -16.66 -21.98 -7.48
N ASP A 205 -16.69 -21.01 -8.39
CA ASP A 205 -16.73 -19.59 -8.04
C ASP A 205 -15.54 -19.17 -7.18
N LYS A 206 -14.40 -19.82 -7.36
CA LYS A 206 -13.18 -19.52 -6.62
C LYS A 206 -11.97 -19.70 -7.51
N ASP A 207 -11.05 -18.73 -7.45
CA ASP A 207 -9.78 -18.81 -8.13
C ASP A 207 -8.68 -19.00 -7.08
N PHE A 208 -7.85 -20.02 -7.27
CA PHE A 208 -6.79 -20.35 -6.33
C PHE A 208 -5.42 -19.99 -6.90
N LEU A 209 -4.46 -19.81 -5.99
CA LEU A 209 -3.07 -19.55 -6.36
C LEU A 209 -2.15 -20.40 -5.48
N ILE A 210 -1.06 -20.88 -6.06
CA ILE A 210 -0.17 -21.85 -5.42
C ILE A 210 1.20 -21.21 -5.27
N LYS A 211 1.76 -21.28 -4.05
CA LYS A 211 3.05 -20.66 -3.75
C LYS A 211 3.85 -21.58 -2.83
N GLU A 212 5.18 -21.52 -2.98
CA GLU A 212 6.10 -22.32 -2.18
C GLU A 212 6.76 -21.42 -1.13
N ASN A 213 6.74 -21.86 0.13
CA ASN A 213 7.32 -21.08 1.22
C ASN A 213 8.37 -21.83 2.02
N ASN A 214 8.13 -23.10 2.35
CA ASN A 214 9.02 -23.88 3.22
C ASN A 214 9.41 -25.19 2.54
N GLY A 215 9.80 -25.12 1.27
CA GLY A 215 10.07 -26.29 0.48
C GLY A 215 8.84 -26.95 -0.10
N ALA A 216 7.68 -26.78 0.52
CA ALA A 216 6.41 -27.28 0.03
C ALA A 216 5.55 -26.11 -0.45
N TYR A 217 4.39 -26.44 -0.99
CA TYR A 217 3.47 -25.45 -1.55
C TYR A 217 2.25 -25.28 -0.63
N HIS A 218 1.80 -24.03 -0.51
CA HIS A 218 0.53 -23.74 0.13
C HIS A 218 -0.34 -22.92 -0.82
N VAL A 219 -1.63 -22.86 -0.50
CA VAL A 219 -2.65 -22.42 -1.45
C VAL A 219 -3.31 -21.14 -0.92
N LYS A 220 -3.55 -20.20 -1.82
CA LYS A 220 -4.28 -18.97 -1.52
C LYS A 220 -5.58 -18.93 -2.32
N ILE A 221 -6.62 -18.38 -1.72
CA ILE A 221 -7.89 -18.15 -2.41
C ILE A 221 -7.95 -16.69 -2.82
N LEU A 222 -8.09 -16.43 -4.11
CA LEU A 222 -8.19 -15.07 -4.61
C LEU A 222 -9.54 -14.46 -4.25
N SER A 223 -9.59 -13.14 -4.25
CA SER A 223 -10.79 -12.42 -3.87
C SER A 223 -11.80 -12.40 -5.01
N ASN A 224 -13.01 -11.91 -4.68
CA ASN A 224 -14.05 -11.69 -5.65
C ASN A 224 -14.55 -10.25 -5.62
N THR A 225 -14.14 -9.46 -4.63
CA THR A 225 -14.50 -8.05 -4.56
C THR A 225 -13.71 -7.24 -5.57
N PHE A 226 -14.42 -6.43 -6.37
CA PHE A 226 -13.77 -5.50 -7.30
C PHE A 226 -14.41 -4.13 -7.08
N ASN A 227 -13.92 -3.41 -6.08
CA ASN A 227 -14.36 -2.04 -5.82
C ASN A 227 -13.34 -1.05 -6.35
N ALA A 228 -13.74 0.23 -6.35
CA ALA A 228 -12.92 1.30 -6.88
C ALA A 228 -12.57 2.28 -5.77
N ASN A 229 -11.29 2.60 -5.67
CA ASN A 229 -10.78 3.51 -4.65
C ASN A 229 -10.02 4.64 -5.34
N VAL A 230 -10.24 5.87 -4.87
CA VAL A 230 -9.28 6.93 -5.15
C VAL A 230 -7.96 6.53 -4.49
N ILE A 231 -6.89 6.51 -5.28
CA ILE A 231 -5.58 6.08 -4.80
C ILE A 231 -4.53 7.05 -5.34
N PHE A 232 -3.49 7.29 -4.54
CA PHE A 232 -2.47 8.28 -4.84
C PHE A 232 -1.16 7.59 -5.22
N SER A 233 -0.45 8.17 -6.19
CA SER A 233 0.83 7.67 -6.64
C SER A 233 1.84 8.80 -6.55
N ILE A 234 3.02 8.51 -6.01
CA ILE A 234 4.03 9.51 -5.77
C ILE A 234 5.31 9.11 -6.49
N SER A 235 6.03 10.11 -7.01
CA SER A 235 7.30 9.92 -7.69
C SER A 235 8.30 10.93 -7.15
N LEU A 236 9.51 10.46 -6.85
CA LEU A 236 10.53 11.32 -6.26
C LEU A 236 11.12 12.26 -7.32
N LYS A 237 11.19 13.54 -6.96
CA LYS A 237 11.68 14.56 -7.88
C LYS A 237 13.17 14.38 -8.14
N ASN A 238 13.58 14.65 -9.39
CA ASN A 238 14.95 14.33 -9.81
C ASN A 238 15.94 15.33 -9.22
N ASN A 239 15.83 16.61 -9.60
CA ASN A 239 16.76 17.64 -9.17
C ASN A 239 16.15 18.35 -7.96
N ILE A 240 16.72 18.10 -6.78
CA ILE A 240 16.24 18.67 -5.53
C ILE A 240 17.34 19.56 -4.97
N SER A 241 16.95 20.70 -4.42
CA SER A 241 17.88 21.60 -3.76
C SER A 241 18.61 20.88 -2.63
N LEU A 242 19.78 21.41 -2.27
CA LEU A 242 20.58 20.83 -1.20
C LEU A 242 20.46 21.60 0.11
N PHE A 243 20.06 22.87 0.06
CA PHE A 243 19.70 23.57 1.29
C PHE A 243 18.50 22.91 1.96
N ILE A 244 17.60 22.32 1.19
CA ILE A 244 16.41 21.69 1.79
C ILE A 244 16.76 20.35 2.41
N LEU A 245 17.64 19.56 1.76
CA LEU A 245 17.94 18.25 2.30
C LEU A 245 18.70 18.34 3.62
N ASN A 246 19.61 19.31 3.73
CA ASN A 246 20.34 19.44 4.99
C ASN A 246 19.45 20.05 6.07
N GLU A 247 18.61 21.03 5.70
CA GLU A 247 17.73 21.64 6.71
C GLU A 247 16.81 20.61 7.35
N ASP A 248 16.34 19.63 6.56
CA ASP A 248 15.43 18.62 7.09
C ASP A 248 16.17 17.41 7.67
N ARG A 249 17.43 17.20 7.29
CA ARG A 249 18.24 16.22 8.00
C ARG A 249 18.51 16.66 9.44
N LYS A 250 18.80 17.95 9.63
CA LYS A 250 19.02 18.47 10.98
C LYS A 250 17.73 18.47 11.80
N ALA A 251 16.60 18.76 11.16
CA ALA A 251 15.32 18.65 11.86
C ALA A 251 15.08 17.23 12.34
N PHE A 252 15.58 16.24 11.59
CA PHE A 252 15.46 14.84 12.02
C PHE A 252 16.40 14.56 13.19
N GLU A 253 17.65 14.98 13.08
CA GLU A 253 18.60 14.77 14.18
C GLU A 253 18.17 15.52 15.43
N ALA A 254 17.45 16.64 15.27
CA ALA A 254 16.92 17.35 16.42
C ALA A 254 15.71 16.65 17.02
N ALA A 255 14.98 15.89 16.20
CA ALA A 255 13.77 15.23 16.69
C ALA A 255 14.07 13.95 17.45
N ILE A 256 15.17 13.27 17.12
CA ILE A 256 15.51 12.03 17.81
C ILE A 256 16.37 12.34 19.03
N SER A 257 16.55 13.63 19.33
CA SER A 257 17.38 14.06 20.44
C SER A 257 16.58 14.70 21.57
N LEU A 258 15.26 14.72 21.47
CA LEU A 258 14.42 15.40 22.45
C LEU A 258 14.44 14.71 23.81
CA CA D . 5.98 2.44 3.54
CA CA E . 3.31 0.23 5.80
#